data_4J23
#
_entry.id   4J23
#
_cell.length_a   210.674
_cell.length_b   210.674
_cell.length_c   72.512
_cell.angle_alpha   90.00
_cell.angle_beta   90.00
_cell.angle_gamma   120.00
#
_symmetry.space_group_name_H-M   'P 62 2 2'
#
loop_
_entity.id
_entity.type
_entity.pdbx_description
1 polymer 'Fibroblast growth factor receptor 2'
2 polymer 'Fibroblast growth factor 1'
#
loop_
_entity_poly.entity_id
_entity_poly.type
_entity_poly.pdbx_seq_one_letter_code
_entity_poly.pdbx_strand_id
1 'polypeptide(L)'
;MNSNNKRAPYWTNTEKMEKRLHAVPAANTVKFRCPAGGNPMPTMRWLKNGKEFKQEHRIGGYKVRNQHWSLIMESVVPSD
KGNYTCVVENEYGSINHTYHLDVVERSPHRPILQAGLPANASTVVGGDVEFVCKVYSDAQPHIQWIKHVEKNGSKYGPDG
LPYLKVLKAAGVNTTDKEIEVLYIRNVTFEDAGEYTCLAGNSIGISFHSAWLTVLPAPGRELE
;
A
2 'polypeptide(L)'
;GHMGNYKKPKLLYCSNGGHFLRILPDGTVDGTRDRSDQHIQLQLSAESVGEVYIKSTETGQYLAMDTDGLLYGSQTPNEE
CLFLERLEENHYNTYISKKHAEKNWFVGLKKNGSCKRGPRTHYGQKAILFLPLPVSSD
;
B
#
# COMPACT_ATOMS: atom_id res chain seq x y z
N ALA A 8 13.28 32.42 -26.37
CA ALA A 8 12.22 32.47 -25.38
C ALA A 8 11.57 31.08 -25.18
N PRO A 9 12.17 30.22 -24.30
CA PRO A 9 11.85 28.80 -24.08
C PRO A 9 10.51 28.48 -23.51
N TYR A 10 9.96 27.36 -23.88
CA TYR A 10 8.61 27.08 -23.47
C TYR A 10 8.41 25.63 -23.44
N TRP A 11 7.74 25.19 -22.39
CA TRP A 11 7.44 23.79 -22.27
C TRP A 11 6.28 23.48 -23.22
N THR A 12 6.34 22.35 -23.94
CA THR A 12 5.51 22.14 -25.15
C THR A 12 4.26 21.22 -25.21
N ASN A 13 4.26 20.06 -24.56
CA ASN A 13 3.10 19.16 -24.61
C ASN A 13 2.85 18.38 -23.30
N THR A 14 2.22 18.98 -22.27
CA THR A 14 2.13 18.29 -20.95
C THR A 14 1.62 16.86 -21.10
N GLU A 15 2.47 16.10 -21.77
CA GLU A 15 2.44 14.67 -21.93
C GLU A 15 2.03 13.89 -20.71
N LYS A 16 2.83 14.00 -19.67
CA LYS A 16 2.56 13.50 -18.37
C LYS A 16 3.64 14.15 -17.51
N MET A 17 3.40 15.41 -17.15
CA MET A 17 4.14 16.18 -16.17
C MET A 17 3.15 16.22 -15.02
N GLU A 18 1.96 15.68 -15.27
CA GLU A 18 0.94 15.64 -14.25
C GLU A 18 1.18 14.38 -13.45
N LYS A 19 2.20 13.64 -13.87
CA LYS A 19 2.69 12.50 -13.09
C LYS A 19 3.87 12.94 -12.22
N ARG A 20 3.65 13.87 -11.30
CA ARG A 20 4.77 14.41 -10.55
C ARG A 20 5.47 13.30 -9.73
N LEU A 21 4.68 12.34 -9.28
CA LEU A 21 5.23 11.30 -8.42
C LEU A 21 5.36 9.96 -9.12
N HIS A 22 6.41 9.25 -8.79
CA HIS A 22 6.60 7.97 -9.36
C HIS A 22 7.05 7.09 -8.27
N ALA A 23 6.04 6.52 -7.65
CA ALA A 23 6.26 5.50 -6.67
C ALA A 23 6.28 4.23 -7.45
N VAL A 24 7.32 3.45 -7.22
CA VAL A 24 7.68 2.37 -8.10
C VAL A 24 8.78 1.65 -7.35
N PRO A 25 8.52 0.37 -7.05
CA PRO A 25 9.19 -0.70 -6.29
C PRO A 25 10.67 -0.82 -6.58
N ALA A 26 11.48 -1.47 -5.75
CA ALA A 26 12.91 -1.52 -6.07
C ALA A 26 13.24 -2.16 -7.49
N ALA A 27 14.41 -1.83 -8.04
CA ALA A 27 14.96 -2.47 -9.24
C ALA A 27 14.17 -2.21 -10.53
N ASN A 28 13.02 -1.54 -10.42
CA ASN A 28 12.22 -1.26 -11.62
C ASN A 28 12.90 -0.31 -12.67
N THR A 29 12.17 0.38 -13.54
CA THR A 29 12.70 1.70 -13.95
C THR A 29 11.60 2.72 -13.97
N VAL A 30 11.85 3.81 -14.72
CA VAL A 30 11.16 5.08 -14.44
C VAL A 30 11.59 6.29 -15.25
N LYS A 31 10.65 6.74 -16.05
CA LYS A 31 10.91 7.65 -17.13
C LYS A 31 10.37 9.07 -16.92
N PHE A 32 11.28 10.01 -16.68
CA PHE A 32 10.96 11.40 -16.55
C PHE A 32 11.16 12.07 -17.88
N ARG A 33 10.08 12.53 -18.49
CA ARG A 33 10.28 13.32 -19.70
C ARG A 33 10.06 14.89 -19.48
N CYS A 34 10.83 15.70 -20.20
CA CYS A 34 10.77 17.13 -20.22
C CYS A 34 11.04 17.63 -21.64
N PRO A 35 10.13 17.41 -22.60
CA PRO A 35 10.31 18.01 -23.92
C PRO A 35 10.46 19.53 -23.95
N ALA A 36 9.38 20.30 -24.01
CA ALA A 36 9.51 21.75 -24.15
C ALA A 36 10.14 22.18 -25.46
N GLY A 37 10.56 23.44 -25.49
CA GLY A 37 11.22 24.02 -26.64
C GLY A 37 11.62 25.48 -26.43
N GLY A 38 11.94 26.15 -27.54
CA GLY A 38 12.22 27.56 -27.57
C GLY A 38 13.52 27.83 -28.29
N ASN A 39 13.66 29.01 -28.91
CA ASN A 39 14.79 29.31 -29.80
C ASN A 39 15.92 30.14 -29.18
N PRO A 40 17.08 29.52 -28.92
CA PRO A 40 17.44 28.15 -29.39
C PRO A 40 17.24 26.94 -28.54
N MET A 41 17.86 25.88 -29.04
CA MET A 41 18.07 24.73 -28.21
C MET A 41 18.64 25.28 -26.91
N PRO A 42 17.93 24.96 -25.85
CA PRO A 42 18.10 25.17 -24.46
C PRO A 42 18.94 24.13 -23.81
N THR A 43 20.18 24.45 -23.47
CA THR A 43 20.96 23.50 -22.69
C THR A 43 20.18 23.05 -21.49
N MET A 44 20.41 21.84 -21.01
CA MET A 44 19.48 21.39 -20.02
C MET A 44 19.91 21.02 -18.60
N ARG A 45 20.76 20.07 -18.30
CA ARG A 45 21.04 19.85 -16.87
C ARG A 45 19.77 19.33 -16.08
N TRP A 46 20.00 19.01 -14.82
CA TRP A 46 18.97 18.34 -14.00
C TRP A 46 19.23 18.34 -12.49
N LEU A 47 18.20 18.36 -11.66
CA LEU A 47 18.57 18.44 -10.27
C LEU A 47 17.76 17.58 -9.32
N LYS A 48 18.48 16.92 -8.43
CA LYS A 48 17.87 16.09 -7.41
C LYS A 48 18.02 16.81 -6.08
N ASN A 49 17.18 17.80 -5.90
CA ASN A 49 17.17 18.56 -4.65
C ASN A 49 18.44 19.35 -4.36
N GLY A 50 19.01 20.04 -5.34
CA GLY A 50 20.14 20.88 -5.01
C GLY A 50 20.87 21.48 -6.20
N LYS A 51 22.20 21.26 -6.27
CA LYS A 51 23.04 21.97 -7.25
C LYS A 51 23.58 21.21 -8.53
N GLU A 52 24.32 20.08 -8.46
CA GLU A 52 24.46 19.20 -9.66
C GLU A 52 24.92 17.80 -9.24
N PHE A 53 24.51 16.86 -10.08
CA PHE A 53 24.12 15.52 -9.70
C PHE A 53 24.58 14.54 -10.76
N LYS A 54 25.02 15.13 -11.86
CA LYS A 54 26.19 14.64 -12.57
C LYS A 54 26.01 13.27 -13.21
N GLN A 55 27.05 12.47 -13.16
CA GLN A 55 26.83 11.07 -12.84
C GLN A 55 27.61 10.65 -11.62
N GLU A 56 27.99 9.37 -11.63
CA GLU A 56 28.81 8.70 -10.61
C GLU A 56 28.00 8.48 -9.31
N HIS A 57 27.34 9.53 -8.80
CA HIS A 57 26.60 9.48 -7.53
C HIS A 57 25.56 8.34 -7.49
N ARG A 58 25.47 7.64 -8.62
CA ARG A 58 24.70 6.43 -8.77
C ARG A 58 25.65 5.46 -9.44
N ILE A 59 25.64 4.20 -9.02
CA ILE A 59 26.34 3.21 -9.80
C ILE A 59 25.48 2.74 -10.96
N GLY A 60 26.10 2.61 -12.13
CA GLY A 60 25.44 2.11 -13.32
C GLY A 60 25.19 3.34 -14.15
N GLY A 61 25.61 4.42 -13.52
CA GLY A 61 25.50 5.72 -14.11
C GLY A 61 24.12 6.29 -14.40
N TYR A 62 24.13 7.02 -15.50
CA TYR A 62 23.05 7.80 -16.04
C TYR A 62 23.12 7.50 -17.51
N LYS A 63 22.08 7.76 -18.29
CA LYS A 63 22.29 7.92 -19.72
C LYS A 63 21.10 8.70 -20.20
N VAL A 64 21.39 9.69 -21.04
CA VAL A 64 20.56 10.86 -21.30
C VAL A 64 20.09 10.89 -22.75
N ARG A 65 19.30 11.89 -23.12
CA ARG A 65 19.02 12.14 -24.51
C ARG A 65 19.14 13.66 -24.72
N ASN A 66 20.16 14.16 -25.41
CA ASN A 66 20.05 15.58 -25.76
C ASN A 66 19.44 15.62 -27.15
N GLN A 67 18.36 14.84 -27.30
CA GLN A 67 17.71 14.63 -28.58
C GLN A 67 16.18 14.73 -28.52
N HIS A 68 15.51 14.14 -27.52
CA HIS A 68 14.19 14.68 -27.13
C HIS A 68 14.27 15.07 -25.64
N TRP A 69 15.50 15.38 -25.23
CA TRP A 69 15.93 15.83 -23.90
C TRP A 69 15.03 15.43 -22.73
N SER A 70 15.47 14.37 -22.06
CA SER A 70 14.83 13.78 -20.90
C SER A 70 15.70 12.68 -20.28
N LEU A 71 15.13 12.00 -19.29
CA LEU A 71 15.85 11.17 -18.34
C LEU A 71 15.13 9.87 -17.96
N ILE A 72 15.86 8.75 -17.89
CA ILE A 72 15.31 7.47 -17.41
C ILE A 72 16.39 6.46 -16.95
N MET A 73 16.18 5.90 -15.76
CA MET A 73 17.19 5.17 -14.99
C MET A 73 16.61 4.57 -13.73
N GLU A 74 16.73 3.29 -13.38
CA GLU A 74 16.53 2.04 -14.11
C GLU A 74 17.26 1.13 -13.15
N SER A 75 16.66 -0.01 -12.88
CA SER A 75 17.07 -0.84 -11.75
C SER A 75 16.97 -0.17 -10.35
N VAL A 76 16.06 0.81 -10.19
CA VAL A 76 15.97 1.73 -9.01
C VAL A 76 16.31 1.20 -7.58
N VAL A 77 16.88 2.07 -6.71
CA VAL A 77 17.06 1.75 -5.27
C VAL A 77 16.71 2.95 -4.36
N PRO A 78 16.42 2.66 -3.07
CA PRO A 78 15.91 3.67 -2.13
C PRO A 78 16.81 4.86 -1.88
N SER A 79 18.10 4.77 -2.17
CA SER A 79 18.98 5.89 -1.84
C SER A 79 18.95 7.01 -2.87
N ASP A 80 18.28 6.78 -4.00
CA ASP A 80 18.15 7.80 -5.04
C ASP A 80 16.79 8.40 -4.95
N LYS A 81 16.22 8.25 -3.77
CA LYS A 81 14.96 8.84 -3.42
C LYS A 81 14.96 10.37 -3.69
N GLY A 82 13.81 11.01 -3.86
CA GLY A 82 13.81 12.48 -3.79
C GLY A 82 13.23 13.34 -4.90
N ASN A 83 13.55 14.63 -4.92
CA ASN A 83 12.98 15.44 -5.98
C ASN A 83 13.96 15.80 -7.05
N TYR A 84 13.48 15.63 -8.26
CA TYR A 84 14.31 15.62 -9.44
C TYR A 84 13.86 16.63 -10.44
N THR A 85 14.78 17.49 -10.86
CA THR A 85 14.33 18.69 -11.49
C THR A 85 14.88 18.90 -12.88
N CYS A 86 13.96 18.83 -13.80
CA CYS A 86 14.12 19.34 -15.12
C CYS A 86 14.65 20.76 -15.05
N VAL A 87 15.62 21.23 -15.86
CA VAL A 87 15.73 22.72 -16.03
C VAL A 87 16.12 23.21 -17.43
N VAL A 88 15.37 24.03 -18.12
CA VAL A 88 15.46 23.95 -19.60
C VAL A 88 15.75 25.26 -20.34
N GLU A 89 16.99 25.69 -20.37
CA GLU A 89 17.20 27.11 -20.59
C GLU A 89 17.93 27.61 -21.78
N ASN A 90 17.54 28.75 -22.29
CA ASN A 90 18.48 29.48 -23.11
C ASN A 90 18.84 30.82 -22.55
N GLU A 91 19.35 31.66 -23.42
CA GLU A 91 19.79 32.94 -22.95
C GLU A 91 18.56 33.74 -22.64
N TYR A 92 17.44 33.32 -23.21
CA TYR A 92 16.26 34.11 -23.05
C TYR A 92 15.39 33.71 -21.83
N GLY A 93 15.90 32.98 -20.85
CA GLY A 93 15.00 32.62 -19.79
C GLY A 93 15.31 31.22 -19.40
N SER A 94 14.40 30.50 -18.77
CA SER A 94 14.69 29.12 -18.46
C SER A 94 13.36 28.62 -18.07
N ILE A 95 13.15 27.33 -18.11
CA ILE A 95 11.89 26.76 -17.66
C ILE A 95 12.36 25.77 -16.62
N ASN A 96 11.49 24.95 -16.02
CA ASN A 96 11.90 23.73 -15.32
C ASN A 96 10.70 22.99 -14.72
N HIS A 97 10.96 21.81 -14.18
CA HIS A 97 9.93 20.99 -13.59
C HIS A 97 10.59 20.16 -12.54
N THR A 98 9.84 19.64 -11.59
CA THR A 98 10.45 18.78 -10.56
C THR A 98 9.66 17.53 -10.20
N TYR A 99 10.35 16.39 -10.23
CA TYR A 99 9.71 15.10 -10.05
C TYR A 99 10.17 14.40 -8.73
N HIS A 100 9.25 14.03 -7.83
CA HIS A 100 9.62 13.26 -6.64
C HIS A 100 9.56 11.81 -6.98
N LEU A 101 10.52 11.08 -6.46
CA LEU A 101 10.64 9.65 -6.73
C LEU A 101 10.58 8.87 -5.42
N ASP A 102 9.62 7.96 -5.35
CA ASP A 102 9.43 7.25 -4.13
C ASP A 102 9.60 5.75 -4.32
N VAL A 103 10.79 5.27 -3.94
CA VAL A 103 11.12 3.86 -3.96
C VAL A 103 10.62 3.14 -2.74
N VAL A 104 9.78 2.17 -3.03
CA VAL A 104 9.25 1.25 -2.07
C VAL A 104 9.99 -0.10 -1.99
N GLU A 105 9.87 -0.81 -0.85
CA GLU A 105 10.39 -2.17 -0.70
C GLU A 105 9.50 -3.05 0.18
N ARG A 106 8.88 -3.98 -0.54
CA ARG A 106 7.95 -5.01 -0.07
C ARG A 106 8.72 -6.21 0.39
N SER A 107 8.16 -7.00 1.30
CA SER A 107 8.76 -8.30 1.55
C SER A 107 7.65 -9.38 1.39
N PRO A 108 7.49 -9.95 0.18
CA PRO A 108 6.37 -10.89 -0.02
C PRO A 108 6.64 -12.19 0.72
N HIS A 109 7.04 -12.04 1.97
CA HIS A 109 6.96 -13.10 2.92
C HIS A 109 5.66 -12.85 3.67
N ARG A 110 5.30 -13.80 4.53
CA ARG A 110 4.10 -13.74 5.34
C ARG A 110 4.45 -13.11 6.66
N PRO A 111 3.42 -12.62 7.37
CA PRO A 111 3.75 -11.78 8.51
C PRO A 111 4.92 -12.25 9.40
N ILE A 112 5.90 -11.36 9.58
CA ILE A 112 6.94 -11.58 10.57
C ILE A 112 6.48 -11.36 11.99
N LEU A 113 6.69 -12.36 12.86
CA LEU A 113 6.45 -12.22 14.32
C LEU A 113 7.59 -12.12 15.28
N GLN A 114 7.43 -11.15 16.17
CA GLN A 114 8.48 -10.86 17.10
C GLN A 114 8.83 -12.11 17.79
N ALA A 115 10.12 -12.35 17.75
CA ALA A 115 10.79 -13.17 18.68
C ALA A 115 10.25 -12.98 20.12
N GLY A 116 9.65 -14.02 20.69
CA GLY A 116 9.34 -14.03 22.11
C GLY A 116 7.93 -13.63 22.43
N LEU A 117 7.03 -13.73 21.47
CA LEU A 117 5.67 -13.45 21.84
C LEU A 117 4.64 -14.45 21.29
N PRO A 118 3.58 -14.66 22.09
CA PRO A 118 3.47 -14.02 23.41
C PRO A 118 4.19 -14.80 24.51
N ALA A 119 4.57 -14.14 25.61
CA ALA A 119 5.36 -14.79 26.66
C ALA A 119 4.52 -15.35 27.84
N ASN A 120 4.91 -16.53 28.34
CA ASN A 120 4.10 -17.27 29.32
C ASN A 120 4.09 -16.64 30.74
N ALA A 121 2.95 -16.73 31.39
CA ALA A 121 2.74 -16.02 32.65
C ALA A 121 1.90 -16.82 33.63
N SER A 122 1.62 -16.21 34.78
CA SER A 122 1.01 -16.92 35.89
C SER A 122 0.53 -16.02 36.99
N THR A 123 -0.68 -16.29 37.47
CA THR A 123 -1.26 -15.58 38.61
C THR A 123 -2.30 -16.44 39.34
N VAL A 124 -2.50 -16.13 40.61
CA VAL A 124 -3.55 -16.72 41.43
C VAL A 124 -4.96 -16.62 40.78
N VAL A 125 -5.80 -17.64 40.95
CA VAL A 125 -7.19 -17.61 40.46
C VAL A 125 -7.97 -16.46 41.02
N GLY A 126 -8.80 -15.86 40.18
CA GLY A 126 -9.65 -14.77 40.59
C GLY A 126 -8.92 -13.52 40.18
N GLY A 127 -7.60 -13.64 40.12
CA GLY A 127 -6.74 -12.72 39.39
C GLY A 127 -6.69 -13.18 37.94
N ASP A 128 -5.67 -12.73 37.21
CA ASP A 128 -5.46 -13.01 35.77
C ASP A 128 -4.49 -12.02 35.06
N VAL A 129 -3.68 -12.48 34.08
CA VAL A 129 -2.71 -11.61 33.36
C VAL A 129 -2.58 -11.92 31.80
N GLU A 130 -2.03 -10.98 31.02
CA GLU A 130 -2.05 -11.00 29.54
C GLU A 130 -0.85 -11.65 28.81
N PHE A 131 -1.08 -11.98 27.55
CA PHE A 131 -0.08 -12.40 26.57
C PHE A 131 -0.28 -11.49 25.36
N VAL A 132 0.76 -11.12 24.61
CA VAL A 132 0.59 -10.05 23.61
C VAL A 132 1.01 -10.34 22.15
N CYS A 133 0.28 -9.87 21.14
CA CYS A 133 0.85 -10.03 19.80
C CYS A 133 1.09 -8.69 19.13
N LYS A 134 2.19 -8.68 18.41
CA LYS A 134 2.54 -7.52 17.64
C LYS A 134 2.41 -7.89 16.20
N VAL A 135 1.51 -7.18 15.56
CA VAL A 135 1.59 -6.97 14.16
C VAL A 135 3.06 -6.88 13.62
N TYR A 136 3.24 -7.23 12.33
CA TYR A 136 4.28 -6.83 11.38
C TYR A 136 4.30 -7.78 10.15
N SER A 137 4.14 -7.27 8.93
CA SER A 137 3.78 -5.89 8.68
C SER A 137 3.43 -5.54 7.26
N ASP A 138 3.41 -6.42 6.27
CA ASP A 138 3.17 -5.81 4.95
C ASP A 138 1.87 -6.20 4.26
N ALA A 139 1.86 -7.36 3.62
CA ALA A 139 0.59 -7.91 3.19
C ALA A 139 -0.24 -7.87 4.43
N GLN A 140 -1.34 -7.13 4.37
CA GLN A 140 -2.00 -6.83 5.61
C GLN A 140 -2.64 -8.07 6.18
N PRO A 141 -2.14 -8.46 7.35
CA PRO A 141 -2.43 -9.76 7.95
C PRO A 141 -3.81 -9.89 8.55
N HIS A 142 -4.33 -11.12 8.54
CA HIS A 142 -5.56 -11.42 9.24
C HIS A 142 -5.33 -12.36 10.40
N ILE A 143 -5.69 -11.89 11.58
CA ILE A 143 -5.04 -12.33 12.82
C ILE A 143 -5.92 -13.05 13.87
N GLN A 144 -5.41 -14.15 14.44
CA GLN A 144 -6.14 -14.98 15.41
C GLN A 144 -5.27 -15.97 16.25
N TRP A 145 -5.69 -16.22 17.50
CA TRP A 145 -5.08 -17.16 18.48
C TRP A 145 -5.90 -18.45 18.63
N ILE A 146 -5.25 -19.58 18.94
CA ILE A 146 -6.02 -20.79 19.30
C ILE A 146 -5.41 -21.60 20.45
N LYS A 147 -6.18 -22.58 20.92
CA LYS A 147 -5.78 -23.34 22.08
C LYS A 147 -6.17 -24.81 22.00
N HIS A 148 -5.21 -25.69 22.23
CA HIS A 148 -5.50 -27.13 22.16
C HIS A 148 -6.16 -27.64 23.44
N VAL A 149 -7.48 -27.82 23.40
CA VAL A 149 -8.26 -28.52 24.45
C VAL A 149 -8.94 -29.68 23.75
N GLU A 150 -10.08 -30.16 24.22
CA GLU A 150 -10.89 -31.11 23.45
C GLU A 150 -10.13 -32.42 23.11
N LYS A 151 -10.58 -33.49 23.76
CA LYS A 151 -10.20 -34.88 23.52
C LYS A 151 -8.77 -35.10 23.00
N PRO A 162 -8.52 -34.75 16.60
CA PRO A 162 -8.33 -33.86 17.76
C PRO A 162 -7.65 -32.52 17.43
N TYR A 163 -8.25 -31.38 17.87
CA TYR A 163 -7.87 -30.04 17.38
C TYR A 163 -7.74 -28.89 18.43
N LEU A 164 -7.43 -27.68 17.98
CA LEU A 164 -7.43 -26.55 18.91
C LEU A 164 -8.78 -25.84 18.69
N LYS A 165 -9.17 -24.87 19.52
CA LYS A 165 -10.35 -24.07 19.13
C LYS A 165 -10.16 -22.56 19.32
N VAL A 166 -10.78 -21.80 18.41
CA VAL A 166 -10.40 -20.43 18.02
C VAL A 166 -10.68 -19.33 19.05
N LEU A 167 -9.82 -18.31 19.18
CA LEU A 167 -10.23 -17.18 20.04
C LEU A 167 -11.41 -16.31 19.57
N LYS A 168 -11.42 -15.71 18.38
CA LYS A 168 -12.38 -14.72 17.84
C LYS A 168 -11.63 -13.87 16.78
N ALA A 169 -12.22 -13.64 15.60
CA ALA A 169 -11.44 -13.10 14.46
C ALA A 169 -10.98 -11.64 14.49
N ALA A 170 -10.25 -11.29 13.42
CA ALA A 170 -9.91 -9.91 13.12
C ALA A 170 -10.80 -9.51 11.98
N GLY A 171 -10.99 -8.21 11.78
CA GLY A 171 -11.93 -7.72 10.78
C GLY A 171 -13.34 -8.08 11.18
N VAL A 172 -13.52 -8.31 12.47
CA VAL A 172 -14.77 -8.86 13.01
C VAL A 172 -15.53 -7.66 13.55
N ASN A 173 -15.10 -6.48 13.06
CA ASN A 173 -15.53 -5.23 13.63
C ASN A 173 -15.06 -5.19 15.11
N THR A 174 -13.74 -5.34 15.31
CA THR A 174 -13.11 -5.29 16.66
C THR A 174 -11.70 -4.61 16.69
N THR A 175 -11.34 -3.95 15.57
CA THR A 175 -10.25 -2.96 15.38
C THR A 175 -8.81 -3.02 15.97
N ASP A 176 -8.25 -1.85 16.31
CA ASP A 176 -6.91 -1.63 16.90
C ASP A 176 -6.82 -1.92 18.41
N LYS A 177 -7.96 -2.28 18.99
CA LYS A 177 -8.09 -2.28 20.43
C LYS A 177 -8.16 -3.70 20.94
N GLU A 178 -9.20 -4.42 20.62
CA GLU A 178 -9.25 -5.81 20.93
C GLU A 178 -8.43 -6.56 19.86
N ILE A 179 -7.16 -6.77 20.19
CA ILE A 179 -6.13 -7.17 19.24
C ILE A 179 -5.30 -8.40 19.68
N GLU A 180 -5.80 -9.09 20.71
CA GLU A 180 -5.18 -10.32 21.19
C GLU A 180 -3.73 -9.96 21.57
N VAL A 181 -3.36 -9.44 22.77
CA VAL A 181 -4.04 -9.06 24.04
C VAL A 181 -5.26 -9.79 24.62
N LEU A 182 -5.11 -11.09 24.84
CA LEU A 182 -6.11 -11.87 25.55
C LEU A 182 -6.52 -11.22 26.84
N TYR A 183 -7.78 -11.39 27.20
CA TYR A 183 -8.14 -11.16 28.56
C TYR A 183 -8.99 -12.29 29.09
N ILE A 184 -8.48 -12.72 30.21
CA ILE A 184 -8.84 -13.89 30.96
C ILE A 184 -9.51 -13.55 32.29
N ARG A 185 -10.81 -13.33 32.33
CA ARG A 185 -11.37 -12.92 33.62
C ARG A 185 -11.50 -14.07 34.60
N ASN A 186 -11.28 -13.73 35.88
CA ASN A 186 -11.11 -14.66 36.99
C ASN A 186 -10.49 -16.02 36.58
N VAL A 187 -9.21 -15.99 36.22
CA VAL A 187 -8.52 -17.10 35.55
C VAL A 187 -8.64 -18.46 36.24
N THR A 188 -9.53 -19.27 35.70
CA THR A 188 -9.68 -20.64 36.13
C THR A 188 -8.64 -21.56 35.51
N PHE A 189 -8.80 -22.86 35.74
CA PHE A 189 -7.82 -23.84 35.30
C PHE A 189 -8.38 -24.55 34.08
N GLU A 190 -9.67 -24.33 33.84
CA GLU A 190 -10.23 -24.28 32.49
C GLU A 190 -9.18 -23.96 31.45
N ASP A 191 -8.65 -22.75 31.62
CA ASP A 191 -7.85 -22.06 30.63
C ASP A 191 -6.56 -22.79 30.38
N ALA A 192 -6.31 -23.77 31.24
CA ALA A 192 -5.04 -24.47 31.26
C ALA A 192 -4.71 -25.04 29.93
N GLY A 193 -3.52 -24.67 29.45
CA GLY A 193 -2.99 -25.19 28.22
C GLY A 193 -2.23 -24.21 27.36
N GLU A 194 -2.25 -24.51 26.06
CA GLU A 194 -1.40 -23.85 25.09
C GLU A 194 -2.16 -22.82 24.28
N TYR A 195 -1.49 -21.70 24.02
CA TYR A 195 -2.06 -20.60 23.25
C TYR A 195 -0.99 -20.14 22.19
N THR A 196 -1.43 -19.91 20.94
CA THR A 196 -0.62 -19.94 19.71
C THR A 196 -1.04 -18.75 18.84
N CYS A 197 -0.24 -18.24 17.90
CA CYS A 197 -0.83 -17.05 17.24
C CYS A 197 -0.94 -16.83 15.66
N LEU A 198 -1.83 -17.61 15.02
CA LEU A 198 -2.24 -17.48 13.58
C LEU A 198 -2.57 -16.11 13.00
N ALA A 199 -1.72 -15.59 12.14
CA ALA A 199 -1.98 -14.41 11.30
C ALA A 199 -1.36 -14.52 9.88
N GLY A 200 -2.20 -14.57 8.87
CA GLY A 200 -1.75 -14.96 7.57
C GLY A 200 -1.99 -13.92 6.51
N ASN A 201 -1.27 -14.08 5.42
CA ASN A 201 -1.58 -13.41 4.19
C ASN A 201 -1.55 -14.48 3.14
N SER A 202 -1.34 -14.06 1.91
CA SER A 202 -1.29 -14.98 0.81
C SER A 202 -0.05 -15.88 0.83
N ILE A 203 1.01 -15.44 1.52
CA ILE A 203 2.27 -16.17 1.46
C ILE A 203 2.16 -17.45 2.27
N GLY A 204 1.50 -17.34 3.41
CA GLY A 204 1.31 -18.46 4.30
C GLY A 204 1.08 -17.92 5.68
N ILE A 205 1.61 -18.62 6.69
CA ILE A 205 1.52 -18.20 8.09
C ILE A 205 2.25 -19.11 9.13
N SER A 206 3.20 -18.60 9.94
CA SER A 206 3.51 -19.16 11.32
C SER A 206 4.40 -18.42 12.40
N PHE A 207 4.11 -18.75 13.68
CA PHE A 207 4.30 -17.93 14.93
C PHE A 207 4.76 -18.70 16.10
N HIS A 208 4.92 -18.08 17.26
CA HIS A 208 5.31 -19.00 18.31
C HIS A 208 4.20 -18.85 19.30
N SER A 209 4.36 -19.44 20.46
CA SER A 209 3.19 -19.87 21.14
C SER A 209 3.40 -19.93 22.64
N ALA A 210 2.31 -20.19 23.36
CA ALA A 210 2.21 -19.82 24.76
C ALA A 210 1.49 -20.87 25.60
N TRP A 211 2.11 -21.23 26.70
CA TRP A 211 1.55 -22.14 27.67
C TRP A 211 1.28 -21.31 28.90
N LEU A 212 0.26 -21.65 29.67
CA LEU A 212 0.10 -20.96 30.93
C LEU A 212 0.52 -21.88 32.06
N THR A 213 1.50 -21.41 32.82
CA THR A 213 1.90 -22.04 34.06
C THR A 213 0.86 -21.57 35.07
N VAL A 214 -0.05 -22.43 35.50
CA VAL A 214 -1.09 -21.95 36.39
C VAL A 214 -1.01 -22.70 37.71
N LEU A 215 -1.04 -21.89 38.77
CA LEU A 215 -0.99 -22.29 40.17
C LEU A 215 -0.98 -23.77 40.46
N ASN B 5 2.61 -1.33 5.40
CA ASN B 5 2.70 -1.87 6.74
C ASN B 5 1.38 -1.95 7.45
N TYR B 6 1.39 -2.66 8.56
CA TYR B 6 0.21 -2.71 9.39
C TYR B 6 -0.30 -1.39 9.77
N LYS B 7 0.66 -0.63 10.27
CA LYS B 7 0.42 0.32 11.31
C LYS B 7 -0.62 1.33 10.98
N LYS B 8 -0.28 2.08 9.95
CA LYS B 8 -0.78 3.40 9.75
C LYS B 8 -1.86 3.33 8.71
N PRO B 9 -2.69 4.38 8.68
CA PRO B 9 -3.35 4.66 7.42
C PRO B 9 -2.30 5.02 6.35
N LYS B 10 -2.46 4.41 5.18
CA LYS B 10 -1.50 4.52 4.07
C LYS B 10 -2.22 4.90 2.77
N LEU B 11 -1.52 5.31 1.72
CA LEU B 11 -2.24 5.78 0.51
C LEU B 11 -1.97 4.85 -0.68
N LEU B 12 -2.98 4.73 -1.53
CA LEU B 12 -2.87 3.93 -2.72
C LEU B 12 -2.52 4.70 -3.93
N TYR B 13 -1.31 4.49 -4.37
CA TYR B 13 -0.83 5.13 -5.54
C TYR B 13 -1.01 4.20 -6.71
N CYS B 14 -1.58 4.61 -7.82
CA CYS B 14 -1.52 3.65 -8.90
C CYS B 14 -0.59 4.21 -9.97
N SER B 15 0.40 3.45 -10.41
CA SER B 15 1.50 4.03 -11.22
C SER B 15 1.09 4.58 -12.57
N ASN B 16 -0.07 4.17 -13.09
CA ASN B 16 -0.43 4.44 -14.48
C ASN B 16 -0.32 5.91 -14.80
N GLY B 17 -1.00 6.68 -13.97
CA GLY B 17 -0.96 8.12 -14.02
C GLY B 17 -0.40 8.62 -12.71
N GLY B 18 -0.25 7.70 -11.76
CA GLY B 18 0.24 8.03 -10.46
C GLY B 18 -0.84 8.30 -9.45
N HIS B 19 -2.09 8.28 -9.84
CA HIS B 19 -3.13 8.83 -9.01
C HIS B 19 -3.21 8.19 -7.66
N PHE B 20 -3.55 8.96 -6.64
CA PHE B 20 -3.90 8.32 -5.38
C PHE B 20 -5.36 8.03 -5.26
N LEU B 21 -5.65 6.89 -4.70
CA LEU B 21 -7.03 6.51 -4.46
C LEU B 21 -7.73 7.32 -3.34
N ARG B 22 -8.85 7.98 -3.70
CA ARG B 22 -9.61 8.91 -2.80
C ARG B 22 -11.13 8.85 -2.96
N ILE B 23 -11.81 8.81 -1.81
CA ILE B 23 -13.27 8.59 -1.72
C ILE B 23 -14.02 9.83 -1.28
N LEU B 24 -14.68 10.45 -2.24
CA LEU B 24 -15.35 11.70 -2.03
C LEU B 24 -16.67 11.43 -1.27
N PRO B 25 -17.16 12.44 -0.53
CA PRO B 25 -18.22 12.22 0.44
C PRO B 25 -19.53 11.82 -0.18
N ASP B 26 -19.67 12.03 -1.48
CA ASP B 26 -20.93 11.70 -2.13
C ASP B 26 -20.94 10.25 -2.54
N GLY B 27 -19.82 9.57 -2.33
CA GLY B 27 -19.75 8.14 -2.56
C GLY B 27 -18.92 7.68 -3.74
N THR B 28 -18.58 8.58 -4.65
CA THR B 28 -17.86 8.24 -5.89
C THR B 28 -16.34 8.24 -5.71
N VAL B 29 -15.67 7.43 -6.53
CA VAL B 29 -14.27 7.12 -6.36
C VAL B 29 -13.43 7.31 -7.62
N ASP B 30 -12.41 8.13 -7.47
CA ASP B 30 -11.39 8.26 -8.48
C ASP B 30 -10.12 8.58 -7.75
N GLY B 31 -9.16 9.13 -8.48
CA GLY B 31 -7.96 9.57 -7.83
C GLY B 31 -7.49 10.85 -8.41
N THR B 32 -6.96 11.75 -7.59
CA THR B 32 -6.11 12.79 -8.15
C THR B 32 -4.98 13.09 -7.13
N ARG B 33 -4.04 13.91 -7.59
CA ARG B 33 -2.64 13.91 -7.17
C ARG B 33 -2.24 14.64 -5.92
N ASP B 34 -2.87 15.78 -5.70
CA ASP B 34 -2.67 16.55 -4.49
C ASP B 34 -2.79 15.63 -3.29
N ARG B 35 -1.73 15.49 -2.51
CA ARG B 35 -1.85 14.69 -1.28
C ARG B 35 -1.96 15.63 -0.08
N SER B 36 -2.84 16.59 -0.23
CA SER B 36 -3.29 17.38 0.90
C SER B 36 -4.75 17.04 1.10
N ASP B 37 -5.43 16.68 -0.01
CA ASP B 37 -6.87 16.32 -0.03
C ASP B 37 -7.13 15.34 1.11
N GLN B 38 -8.37 15.22 1.56
CA GLN B 38 -8.58 14.68 2.90
C GLN B 38 -8.98 13.21 2.95
N HIS B 39 -9.31 12.69 1.77
CA HIS B 39 -10.03 11.43 1.58
C HIS B 39 -9.13 10.25 1.03
N ILE B 40 -7.80 10.43 0.86
CA ILE B 40 -6.84 9.38 0.40
C ILE B 40 -6.21 8.62 1.54
N GLN B 41 -6.57 9.04 2.74
CA GLN B 41 -6.03 8.41 3.90
C GLN B 41 -6.97 7.24 4.10
N LEU B 42 -6.40 6.04 3.98
CA LEU B 42 -7.11 4.78 4.08
C LEU B 42 -6.38 3.96 5.13
N GLN B 43 -7.13 3.25 5.95
CA GLN B 43 -6.54 2.20 6.75
C GLN B 43 -7.30 0.91 6.52
N LEU B 44 -6.55 -0.18 6.45
CA LEU B 44 -7.14 -1.42 6.02
C LEU B 44 -7.20 -2.44 7.12
N SER B 45 -8.14 -3.37 7.00
CA SER B 45 -8.29 -4.50 7.93
C SER B 45 -8.75 -5.76 7.15
N ALA B 46 -8.75 -6.91 7.82
CA ALA B 46 -8.97 -8.19 7.15
C ALA B 46 -9.99 -9.02 7.87
N GLU B 47 -11.10 -9.31 7.20
CA GLU B 47 -12.02 -10.29 7.73
C GLU B 47 -11.34 -11.62 7.65
N SER B 48 -10.47 -11.77 6.66
CA SER B 48 -9.78 -13.01 6.52
C SER B 48 -8.53 -12.91 5.68
N VAL B 49 -7.90 -14.07 5.56
CA VAL B 49 -6.67 -14.22 4.83
C VAL B 49 -6.91 -14.35 3.35
N GLY B 50 -6.74 -13.23 2.68
CA GLY B 50 -6.93 -13.12 1.27
C GLY B 50 -7.41 -11.71 1.14
N GLU B 51 -8.38 -11.33 2.00
CA GLU B 51 -9.01 -10.04 1.76
C GLU B 51 -9.30 -9.05 2.88
N VAL B 52 -9.53 -7.85 2.36
CA VAL B 52 -9.26 -6.59 2.97
C VAL B 52 -10.44 -5.66 2.68
N TYR B 53 -10.75 -4.75 3.60
CA TYR B 53 -11.78 -3.77 3.33
C TYR B 53 -11.14 -2.47 3.56
N ILE B 54 -11.33 -1.60 2.59
CA ILE B 54 -10.66 -0.35 2.57
C ILE B 54 -11.59 0.78 2.94
N LYS B 55 -11.20 1.64 3.88
CA LYS B 55 -12.06 2.74 4.30
C LYS B 55 -11.31 4.07 4.43
N SER B 56 -11.88 5.14 3.88
CA SER B 56 -11.37 6.50 4.06
C SER B 56 -11.52 6.91 5.51
N THR B 57 -10.42 7.26 6.14
CA THR B 57 -10.40 7.46 7.59
C THR B 57 -11.30 8.57 8.09
N GLU B 58 -11.42 9.63 7.32
CA GLU B 58 -12.10 10.76 7.89
C GLU B 58 -13.60 10.74 7.68
N THR B 59 -14.05 10.12 6.60
CA THR B 59 -15.48 10.15 6.29
C THR B 59 -16.15 8.81 6.46
N GLY B 60 -15.38 7.78 6.77
CA GLY B 60 -15.96 6.47 7.03
C GLY B 60 -16.88 5.89 5.96
N GLN B 61 -16.35 5.71 4.75
CA GLN B 61 -16.98 4.90 3.70
C GLN B 61 -16.00 3.84 3.16
N TYR B 62 -16.39 2.56 3.24
CA TYR B 62 -15.71 1.46 2.53
C TYR B 62 -15.87 1.48 0.99
N LEU B 63 -15.05 0.73 0.27
CA LEU B 63 -15.16 0.68 -1.21
C LEU B 63 -15.87 -0.54 -1.75
N ALA B 64 -16.86 -0.30 -2.60
CA ALA B 64 -17.74 -1.35 -3.01
C ALA B 64 -18.34 -1.06 -4.35
N MET B 65 -18.08 -1.91 -5.32
CA MET B 65 -18.63 -1.69 -6.63
C MET B 65 -20.08 -2.10 -6.74
N ASP B 66 -20.31 -3.37 -6.51
CA ASP B 66 -21.41 -4.13 -7.07
C ASP B 66 -21.02 -4.46 -8.51
N THR B 67 -21.79 -5.32 -9.17
CA THR B 67 -21.53 -5.69 -10.56
C THR B 67 -21.37 -4.45 -11.43
N ASP B 68 -22.29 -3.50 -11.30
CA ASP B 68 -21.98 -2.09 -11.49
C ASP B 68 -20.72 -1.69 -12.30
N GLY B 69 -19.54 -2.08 -11.80
CA GLY B 69 -18.29 -1.50 -12.25
C GLY B 69 -18.05 -0.17 -11.58
N LEU B 70 -19.13 0.42 -11.09
CA LEU B 70 -19.16 1.87 -10.92
C LEU B 70 -18.47 2.37 -9.67
N LEU B 71 -17.48 1.61 -9.20
CA LEU B 71 -16.59 2.01 -8.10
C LEU B 71 -17.23 2.99 -7.13
N TYR B 72 -18.03 2.53 -6.19
CA TYR B 72 -18.63 3.47 -5.26
C TYR B 72 -18.26 3.13 -3.85
N GLY B 73 -18.52 4.07 -2.95
CA GLY B 73 -18.29 3.89 -1.54
C GLY B 73 -19.60 3.66 -0.79
N SER B 74 -19.64 2.52 -0.11
CA SER B 74 -20.81 2.06 0.65
C SER B 74 -20.70 2.38 2.15
N GLN B 75 -21.85 2.56 2.79
CA GLN B 75 -21.91 2.93 4.21
C GLN B 75 -21.81 1.69 5.08
N THR B 76 -22.16 0.56 4.49
CA THR B 76 -22.30 -0.70 5.20
C THR B 76 -21.16 -1.67 4.89
N PRO B 77 -20.65 -2.40 5.90
CA PRO B 77 -19.76 -3.52 5.57
C PRO B 77 -20.52 -4.65 4.91
N ASN B 78 -20.67 -4.57 3.59
CA ASN B 78 -21.54 -5.50 2.90
C ASN B 78 -20.85 -6.25 1.81
N GLU B 79 -21.63 -7.06 1.11
CA GLU B 79 -21.08 -7.95 0.12
C GLU B 79 -20.74 -7.21 -1.18
N GLU B 80 -20.20 -6.00 -1.06
CA GLU B 80 -19.74 -5.25 -2.22
C GLU B 80 -18.30 -4.76 -2.09
N CYS B 81 -17.80 -4.79 -0.87
CA CYS B 81 -16.62 -4.04 -0.46
C CYS B 81 -15.31 -4.78 -0.39
N LEU B 82 -15.31 -6.05 -0.72
CA LEU B 82 -14.24 -6.95 -0.28
C LEU B 82 -13.28 -7.40 -1.39
N PHE B 83 -12.14 -6.74 -1.54
CA PHE B 83 -11.25 -7.05 -2.67
C PHE B 83 -9.85 -7.60 -2.20
N LEU B 84 -9.07 -8.16 -3.14
CA LEU B 84 -7.85 -8.99 -2.88
C LEU B 84 -6.48 -8.39 -2.81
N GLU B 85 -5.85 -8.47 -1.65
CA GLU B 85 -4.50 -7.93 -1.53
C GLU B 85 -3.59 -8.85 -2.37
N ARG B 86 -3.49 -8.46 -3.63
CA ARG B 86 -2.64 -9.07 -4.64
C ARG B 86 -1.25 -8.41 -4.60
N LEU B 87 -0.20 -9.17 -4.26
CA LEU B 87 1.22 -8.72 -4.36
C LEU B 87 1.94 -9.46 -5.45
N GLU B 88 2.19 -8.81 -6.56
CA GLU B 88 2.76 -9.54 -7.66
C GLU B 88 4.20 -9.28 -7.64
N GLU B 89 4.88 -10.25 -8.24
CA GLU B 89 6.29 -10.38 -8.12
C GLU B 89 6.99 -9.13 -8.65
N ASN B 90 6.22 -8.20 -9.21
CA ASN B 90 6.80 -6.92 -9.55
C ASN B 90 6.58 -5.99 -8.40
N HIS B 91 6.15 -6.57 -7.27
CA HIS B 91 6.14 -5.86 -6.00
C HIS B 91 4.96 -4.84 -5.90
N TYR B 92 4.38 -4.40 -7.01
CA TYR B 92 3.17 -3.59 -6.89
C TYR B 92 2.09 -4.54 -6.39
N ASN B 93 1.12 -3.98 -5.70
CA ASN B 93 -0.11 -4.65 -5.38
C ASN B 93 -1.25 -4.35 -6.31
N THR B 94 -2.39 -4.97 -6.04
CA THR B 94 -3.57 -4.90 -6.86
C THR B 94 -4.71 -5.64 -6.15
N TYR B 95 -5.91 -5.43 -6.68
CA TYR B 95 -7.14 -5.63 -5.95
C TYR B 95 -8.27 -5.90 -6.90
N ILE B 96 -8.93 -7.02 -6.67
CA ILE B 96 -9.89 -7.57 -7.62
C ILE B 96 -11.11 -8.10 -6.83
N SER B 97 -12.30 -8.07 -7.46
CA SER B 97 -13.57 -8.01 -6.73
C SER B 97 -14.00 -9.26 -6.03
N LYS B 98 -14.68 -9.02 -4.92
CA LYS B 98 -15.34 -10.07 -4.18
C LYS B 98 -16.42 -10.65 -4.98
N LYS B 99 -17.02 -9.79 -5.80
CA LYS B 99 -18.33 -10.07 -6.28
C LYS B 99 -18.18 -11.31 -7.09
N HIS B 100 -16.94 -11.73 -7.36
CA HIS B 100 -16.75 -12.71 -8.42
C HIS B 100 -15.76 -13.91 -8.26
N ALA B 101 -14.45 -13.66 -8.28
CA ALA B 101 -13.44 -14.57 -8.87
C ALA B 101 -13.73 -14.93 -10.36
N GLU B 102 -14.94 -14.66 -10.83
CA GLU B 102 -15.43 -14.80 -12.22
C GLU B 102 -14.45 -14.42 -13.33
N LYS B 103 -14.38 -13.11 -13.51
CA LYS B 103 -13.71 -12.48 -14.61
C LYS B 103 -13.13 -11.18 -14.06
N ASN B 104 -11.81 -11.14 -14.06
CA ASN B 104 -10.94 -10.22 -13.35
C ASN B 104 -11.12 -8.68 -13.56
N TRP B 105 -12.32 -8.27 -13.22
CA TRP B 105 -12.60 -7.04 -12.53
C TRP B 105 -11.39 -6.71 -11.74
N PHE B 106 -10.70 -5.64 -12.11
CA PHE B 106 -9.89 -5.10 -11.08
C PHE B 106 -9.96 -3.62 -11.00
N VAL B 107 -9.84 -3.20 -9.75
CA VAL B 107 -9.52 -1.83 -9.38
C VAL B 107 -8.66 -1.13 -10.44
N GLY B 108 -8.97 0.06 -10.92
CA GLY B 108 -8.08 0.59 -11.94
C GLY B 108 -7.52 1.99 -11.77
N LEU B 109 -6.83 2.48 -12.80
CA LEU B 109 -6.52 3.90 -12.91
C LEU B 109 -6.48 4.19 -14.40
N LYS B 110 -7.54 4.79 -14.96
CA LYS B 110 -7.40 5.28 -16.31
C LYS B 110 -6.45 6.45 -16.18
N LYS B 111 -5.63 6.60 -17.20
CA LYS B 111 -4.52 7.52 -17.27
C LYS B 111 -4.94 8.95 -16.86
N ASN B 112 -6.23 9.28 -16.99
CA ASN B 112 -6.74 10.65 -16.77
C ASN B 112 -7.37 10.95 -15.40
N GLY B 113 -7.20 10.04 -14.44
CA GLY B 113 -7.74 10.28 -13.12
C GLY B 113 -9.22 10.00 -13.06
N SER B 114 -9.64 9.27 -14.08
CA SER B 114 -10.97 8.75 -14.15
C SER B 114 -10.90 7.30 -14.44
N CYS B 115 -10.52 6.47 -13.49
CA CYS B 115 -10.80 5.12 -13.77
C CYS B 115 -12.30 4.85 -13.71
N LYS B 116 -12.50 3.55 -13.93
CA LYS B 116 -13.64 2.75 -14.32
C LYS B 116 -13.16 1.89 -15.50
N ARG B 117 -13.87 0.85 -15.96
CA ARG B 117 -14.81 0.00 -15.24
C ARG B 117 -14.06 -1.32 -15.06
N GLY B 118 -14.78 -2.37 -14.70
CA GLY B 118 -14.21 -3.70 -14.62
C GLY B 118 -14.37 -4.60 -15.83
N PRO B 119 -15.46 -4.44 -16.60
CA PRO B 119 -15.47 -5.08 -17.92
C PRO B 119 -14.23 -4.76 -18.75
N ARG B 120 -13.77 -3.51 -18.79
CA ARG B 120 -12.66 -3.20 -19.71
C ARG B 120 -11.27 -3.31 -19.06
N THR B 121 -11.20 -3.62 -17.77
CA THR B 121 -9.93 -4.00 -17.18
C THR B 121 -9.81 -5.50 -16.90
N HIS B 122 -8.57 -5.94 -17.06
CA HIS B 122 -8.11 -7.27 -17.43
C HIS B 122 -7.46 -6.85 -18.75
N TYR B 123 -7.05 -7.80 -19.59
CA TYR B 123 -6.18 -7.58 -20.77
C TYR B 123 -4.87 -6.81 -20.51
N GLY B 124 -4.82 -6.03 -19.44
CA GLY B 124 -3.58 -5.59 -18.85
C GLY B 124 -3.81 -5.73 -17.38
N GLN B 125 -3.91 -4.58 -16.71
CA GLN B 125 -3.60 -3.27 -17.30
C GLN B 125 -2.37 -2.74 -16.54
N LYS B 126 -1.86 -1.55 -16.86
CA LYS B 126 -0.96 -0.85 -15.91
C LYS B 126 -1.84 0.05 -15.06
N ALA B 127 -3.13 -0.03 -15.36
CA ALA B 127 -4.14 0.76 -14.70
C ALA B 127 -4.37 0.22 -13.31
N ILE B 128 -3.80 -0.93 -13.02
CA ILE B 128 -4.29 -1.69 -11.90
C ILE B 128 -3.23 -1.82 -10.82
N LEU B 129 -1.95 -1.67 -11.15
CA LEU B 129 -0.91 -1.86 -10.12
C LEU B 129 -0.77 -0.67 -9.16
N PHE B 130 -1.10 -0.94 -7.89
CA PHE B 130 -1.10 0.04 -6.79
C PHE B 130 0.02 -0.13 -5.76
N LEU B 131 0.42 0.97 -5.16
CA LEU B 131 1.42 0.98 -4.10
C LEU B 131 0.81 1.63 -2.82
N PRO B 132 0.99 0.96 -1.68
CA PRO B 132 0.77 1.56 -0.36
C PRO B 132 1.92 2.45 0.07
N LEU B 133 1.63 3.73 0.25
CA LEU B 133 2.65 4.66 0.69
C LEU B 133 2.33 5.35 2.03
N PRO B 134 3.31 6.03 2.61
CA PRO B 134 2.96 6.63 3.88
C PRO B 134 2.49 8.04 3.69
N VAL B 135 1.57 8.39 4.58
CA VAL B 135 1.23 9.77 4.92
C VAL B 135 2.26 10.87 4.54
N SER B 136 3.54 10.63 4.75
CA SER B 136 4.51 11.72 4.73
C SER B 136 5.34 11.73 3.47
N SER B 137 6.44 12.46 3.49
CA SER B 137 7.38 12.36 2.43
C SER B 137 8.45 11.52 3.07
N ASP B 138 7.98 10.66 3.98
CA ASP B 138 8.81 9.79 4.79
C ASP B 138 9.90 9.11 3.97
#